data_5Z6Z
#
_entry.id   5Z6Z
#
_cell.length_a   64.879
_cell.length_b   64.879
_cell.length_c   152.075
_cell.angle_alpha   90.00
_cell.angle_beta   90.00
_cell.angle_gamma   120.00
#
_symmetry.space_group_name_H-M   'P 32 2 1'
#
loop_
_entity.id
_entity.type
_entity.pdbx_description
1 polymer 'Double homeobox protein 4'
2 polymer "DNA (5'-D(*CP*CP*AP*CP*TP*AP*AP*CP*CP*TP*AP*AP*TP*CP*AP*CP*AP*CP*C)-3')"
3 polymer "DNA (5'-D(*GP*GP*TP*GP*TP*GP*AP*TP*TP*AP*GP*GP*TP*TP*AP*GP*TP*GP*G)-3')"
4 water water
#
loop_
_entity_poly.entity_id
_entity_poly.type
_entity_poly.pdbx_seq_one_letter_code
_entity_poly.pdbx_strand_id
1 'polypeptide(L)'
;MALPTPSDSTLPAEARGRGRRRRLVWTPSQSEALRACFERNPYPGIATRERLAQAIGIPEPRVQIWFQNERSRQLRQHRR
ESRPWPGRRGPPEGRRKRTAVTGSQTALLLRAFEKDRFPGIAAREELARETGLPESRIQIWFQNRRARHPGQG
;
A
2 'polydeoxyribonucleotide' (DC)(DC)(DA)(DC)(DT)(DA)(DA)(DC)(DC)(DT)(DA)(DA)(DT)(DC)(DA)(DC)(DA)(DC)(DC) D
3 'polydeoxyribonucleotide' (DG)(DG)(DT)(DG)(DT)(DG)(DA)(DT)(DT)(DA)(DG)(DG)(DT)(DT)(DA)(DG)(DT)(DG)(DG) E
#
# COMPACT_ATOMS: atom_id res chain seq x y z
N GLY A 19 4.47 -4.75 -16.04
CA GLY A 19 5.15 -3.54 -15.64
C GLY A 19 4.78 -3.08 -14.24
N ARG A 20 5.77 -2.60 -13.49
CA ARG A 20 5.58 -2.08 -12.15
C ARG A 20 5.47 -0.57 -12.19
N ARG A 21 5.17 0.00 -11.04
CA ARG A 21 5.12 1.43 -10.90
C ARG A 21 6.56 1.96 -10.84
N ARG A 22 6.78 3.17 -11.27
CA ARG A 22 8.13 3.73 -11.23
C ARG A 22 8.61 3.86 -9.79
N ARG A 23 9.76 3.25 -9.51
CA ARG A 23 10.29 3.17 -8.15
C ARG A 23 10.72 4.54 -7.63
N LEU A 24 10.43 4.78 -6.35
CA LEU A 24 10.78 6.04 -5.73
C LEU A 24 12.22 6.02 -5.24
N VAL A 25 12.78 7.21 -5.04
CA VAL A 25 14.06 7.41 -4.39
C VAL A 25 13.87 8.50 -3.36
N TRP A 26 14.09 8.17 -2.09
CA TRP A 26 13.81 9.11 -1.01
C TRP A 26 14.84 10.21 -0.96
N THR A 27 14.38 11.42 -0.65
CA THR A 27 15.29 12.49 -0.29
C THR A 27 15.78 12.29 1.14
N PRO A 28 16.97 12.80 1.48
CA PRO A 28 17.41 12.74 2.88
C PRO A 28 16.37 13.24 3.87
N SER A 29 15.65 14.32 3.53
CA SER A 29 14.61 14.84 4.40
C SER A 29 13.49 13.82 4.60
N GLN A 30 13.16 13.06 3.56
CA GLN A 30 12.09 12.08 3.68
C GLN A 30 12.53 10.85 4.46
N SER A 31 13.74 10.35 4.18
CA SER A 31 14.26 9.20 4.90
C SER A 31 14.29 9.46 6.39
N GLU A 32 14.77 10.63 6.80
CA GLU A 32 14.90 10.91 8.22
C GLU A 32 13.53 10.94 8.89
N ALA A 33 12.51 11.46 8.20
CA ALA A 33 11.17 11.52 8.77
C ALA A 33 10.57 10.12 8.90
N LEU A 34 10.82 9.23 7.96
CA LEU A 34 10.32 7.88 8.03
C LEU A 34 10.92 7.15 9.20
N ARG A 35 12.21 7.23 9.33
CA ARG A 35 12.90 6.57 10.43
C ARG A 35 12.56 7.13 11.80
N ALA A 36 12.43 8.45 11.89
CA ALA A 36 12.13 9.08 13.17
C ALA A 36 10.74 8.69 13.65
N CYS A 37 9.81 8.50 12.72
CA CYS A 37 8.47 8.03 13.06
C CYS A 37 8.45 6.54 13.35
N PHE A 38 9.15 5.75 12.52
CA PHE A 38 9.25 4.32 12.76
C PHE A 38 9.81 4.03 14.15
N GLU A 39 10.77 4.84 14.58
CA GLU A 39 11.45 4.56 15.83
C GLU A 39 10.52 4.71 17.03
N ARG A 40 9.51 5.53 16.90
CA ARG A 40 8.54 5.74 17.93
C ARG A 40 7.36 4.81 17.83
N ASN A 41 7.10 4.29 16.64
CA ASN A 41 5.98 3.37 16.46
C ASN A 41 6.11 2.59 15.15
N PRO A 42 6.62 1.37 15.23
CA PRO A 42 6.77 0.58 14.00
C PRO A 42 5.46 0.13 13.40
N TYR A 43 4.34 0.29 14.11
CA TYR A 43 3.02 -0.14 13.66
C TYR A 43 2.06 1.04 13.67
N PRO A 44 2.22 1.99 12.75
CA PRO A 44 1.32 3.13 12.72
C PRO A 44 -0.01 2.78 12.06
N GLY A 45 -1.04 3.51 12.46
CA GLY A 45 -2.35 3.40 11.87
C GLY A 45 -2.47 4.26 10.62
N ILE A 46 -3.68 4.28 10.06
CA ILE A 46 -3.91 5.07 8.86
C ILE A 46 -3.71 6.55 9.15
N ALA A 47 -4.11 7.01 10.34
CA ALA A 47 -3.99 8.43 10.68
C ALA A 47 -2.53 8.86 10.72
N THR A 48 -1.68 8.09 11.39
CA THR A 48 -0.26 8.42 11.45
C THR A 48 0.38 8.32 10.07
N ARG A 49 0.00 7.31 9.29
CA ARG A 49 0.57 7.18 7.94
C ARG A 49 0.15 8.34 7.05
N GLU A 50 -1.10 8.77 7.14
CA GLU A 50 -1.56 9.84 6.26
C GLU A 50 -0.94 11.17 6.62
N ARG A 51 -0.87 11.49 7.91
CA ARG A 51 -0.24 12.74 8.34
C ARG A 51 1.23 12.77 7.92
N LEU A 52 1.95 11.67 8.14
CA LEU A 52 3.36 11.63 7.74
C LEU A 52 3.50 11.70 6.22
N ALA A 53 2.58 11.08 5.50
CA ALA A 53 2.67 11.07 4.04
C ALA A 53 2.54 12.46 3.47
N GLN A 54 1.60 13.25 3.98
CA GLN A 54 1.44 14.61 3.47
C GLN A 54 2.52 15.54 4.02
N ALA A 55 3.07 15.23 5.19
CA ALA A 55 4.12 16.07 5.76
C ALA A 55 5.41 16.00 4.94
N ILE A 56 5.61 14.93 4.18
CA ILE A 56 6.87 14.72 3.46
C ILE A 56 6.67 14.61 1.95
N GLY A 57 5.44 14.75 1.46
CA GLY A 57 5.19 14.73 0.03
C GLY A 57 5.31 13.37 -0.62
N ILE A 58 4.75 12.34 0.01
CA ILE A 58 4.79 10.98 -0.52
C ILE A 58 3.39 10.41 -0.39
N PRO A 59 2.88 9.69 -1.38
CA PRO A 59 1.55 9.07 -1.23
C PRO A 59 1.56 8.02 -0.12
N GLU A 60 0.48 8.02 0.66
CA GLU A 60 0.38 7.10 1.79
C GLU A 60 0.64 5.64 1.44
N PRO A 61 0.15 5.09 0.31
CA PRO A 61 0.47 3.68 0.00
C PRO A 61 1.96 3.36 0.03
N ARG A 62 2.80 4.26 -0.49
CA ARG A 62 4.23 4.00 -0.47
C ARG A 62 4.82 4.13 0.93
N VAL A 63 4.22 4.97 1.77
CA VAL A 63 4.62 5.02 3.17
C VAL A 63 4.33 3.69 3.84
N GLN A 64 3.14 3.14 3.61
CA GLN A 64 2.81 1.83 4.18
C GLN A 64 3.77 0.77 3.69
N ILE A 65 4.03 0.74 2.38
CA ILE A 65 4.98 -0.23 1.83
C ILE A 65 6.33 -0.13 2.52
N TRP A 66 6.77 1.10 2.83
CA TRP A 66 8.06 1.27 3.49
C TRP A 66 8.03 0.72 4.92
N PHE A 67 6.95 0.98 5.65
CA PHE A 67 6.86 0.47 7.02
C PHE A 67 6.87 -1.05 7.04
N GLN A 68 6.22 -1.67 6.05
CA GLN A 68 6.31 -3.12 5.92
C GLN A 68 7.73 -3.56 5.59
N ASN A 69 8.40 -2.87 4.67
CA ASN A 69 9.77 -3.23 4.34
C ASN A 69 10.70 -2.96 5.52
N GLU A 70 10.59 -1.79 6.15
CA GLU A 70 11.49 -1.47 7.25
C GLU A 70 11.34 -2.46 8.39
N ARG A 71 10.11 -2.87 8.71
CA ARG A 71 9.91 -3.89 9.72
C ARG A 71 10.60 -5.20 9.32
N SER A 72 10.53 -5.54 8.04
CA SER A 72 11.18 -6.77 7.58
C SER A 72 12.67 -6.73 7.85
N ARG A 73 13.35 -5.68 7.38
CA ARG A 73 14.80 -5.63 7.55
C ARG A 73 15.21 -5.37 9.00
N GLN A 74 14.33 -4.80 9.82
CA GLN A 74 14.64 -4.64 11.23
C GLN A 74 14.55 -5.97 11.97
N LEU A 75 13.43 -6.68 11.82
CA LEU A 75 13.30 -8.00 12.44
C LEU A 75 14.25 -9.01 11.83
N ARG A 76 14.55 -8.87 10.54
CA ARG A 76 15.57 -9.71 9.90
C ARG A 76 16.92 -9.50 10.57
N GLN A 77 17.30 -8.26 10.82
CA GLN A 77 18.59 -7.96 11.42
C GLN A 77 18.58 -8.19 12.93
N HIS A 78 17.43 -8.01 13.58
CA HIS A 78 17.35 -8.29 15.01
C HIS A 78 17.54 -9.77 15.30
N ARG A 79 17.06 -10.65 14.41
CA ARG A 79 17.25 -12.07 14.61
C ARG A 79 18.67 -12.51 14.32
N ARG A 80 19.42 -11.73 13.53
CA ARG A 80 20.84 -12.01 13.31
C ARG A 80 21.73 -11.34 14.34
N GLU A 81 21.32 -10.19 14.88
CA GLU A 81 22.09 -9.50 15.91
C GLU A 81 21.76 -9.95 17.32
N SER A 82 20.50 -10.30 17.58
CA SER A 82 20.09 -10.76 18.90
C SER A 82 19.62 -12.20 18.85
N PRO A 92 -2.44 -0.24 20.02
CA PRO A 92 -2.94 -0.63 18.70
C PRO A 92 -3.67 0.52 18.00
N GLU A 93 -3.12 1.00 16.89
CA GLU A 93 -3.70 2.15 16.20
C GLU A 93 -4.75 1.71 15.19
N GLY A 94 -5.70 2.60 14.94
CA GLY A 94 -6.83 2.27 14.08
C GLY A 94 -6.40 2.07 12.65
N ARG A 95 -7.03 1.11 11.97
CA ARG A 95 -6.67 0.76 10.61
C ARG A 95 -7.40 1.67 9.63
N ARG A 96 -6.99 1.57 8.35
CA ARG A 96 -7.74 2.18 7.27
C ARG A 96 -9.19 1.75 7.34
N LYS A 97 -10.11 2.71 7.26
CA LYS A 97 -11.52 2.39 7.26
C LYS A 97 -11.87 1.51 6.06
N ARG A 98 -12.74 0.54 6.28
CA ARG A 98 -13.07 -0.45 5.27
C ARG A 98 -13.61 0.21 4.02
N THR A 99 -13.07 -0.19 2.86
CA THR A 99 -13.48 0.38 1.59
C THR A 99 -14.71 -0.34 1.09
N ALA A 100 -15.82 0.39 0.95
CA ALA A 100 -17.04 -0.18 0.38
C ALA A 100 -16.85 -0.42 -1.10
N VAL A 101 -17.27 -1.59 -1.57
CA VAL A 101 -17.16 -1.96 -2.97
C VAL A 101 -18.53 -2.42 -3.44
N THR A 102 -19.16 -1.62 -4.29
CA THR A 102 -20.48 -1.95 -4.79
C THR A 102 -20.41 -3.19 -5.68
N GLY A 103 -21.58 -3.82 -5.86
CA GLY A 103 -21.65 -4.93 -6.79
C GLY A 103 -21.31 -4.53 -8.20
N SER A 104 -21.54 -3.25 -8.54
CA SER A 104 -21.22 -2.75 -9.87
C SER A 104 -19.71 -2.78 -10.11
N GLN A 105 -18.93 -2.31 -9.14
CA GLN A 105 -17.48 -2.31 -9.27
C GLN A 105 -16.90 -3.71 -9.10
N THR A 106 -17.50 -4.53 -8.23
CA THR A 106 -17.00 -5.90 -8.07
C THR A 106 -17.11 -6.67 -9.37
N ALA A 107 -18.24 -6.53 -10.08
CA ALA A 107 -18.41 -7.20 -11.36
C ALA A 107 -17.35 -6.75 -12.36
N LEU A 108 -17.04 -5.44 -12.37
CA LEU A 108 -16.00 -4.95 -13.26
C LEU A 108 -14.64 -5.52 -12.88
N LEU A 109 -14.30 -5.53 -11.59
CA LEU A 109 -13.06 -6.14 -11.13
C LEU A 109 -13.03 -7.63 -11.47
N LEU A 110 -14.16 -8.31 -11.35
CA LEU A 110 -14.18 -9.75 -11.53
C LEU A 110 -14.00 -10.14 -13.00
N ARG A 111 -14.43 -9.29 -13.93
CA ARG A 111 -14.22 -9.60 -15.34
C ARG A 111 -12.76 -9.41 -15.71
N ALA A 112 -12.12 -8.36 -15.20
CA ALA A 112 -10.68 -8.19 -15.42
C ALA A 112 -9.89 -9.32 -14.79
N PHE A 113 -10.35 -9.82 -13.64
CA PHE A 113 -9.61 -10.87 -12.93
C PHE A 113 -9.56 -12.15 -13.74
N GLU A 114 -10.67 -12.50 -14.41
CA GLU A 114 -10.69 -13.73 -15.19
C GLU A 114 -9.79 -13.64 -16.42
N LYS A 115 -9.53 -12.42 -16.91
CA LYS A 115 -8.60 -12.27 -18.03
C LYS A 115 -7.15 -12.32 -17.54
N ASP A 116 -6.82 -11.52 -16.53
CA ASP A 116 -5.45 -11.48 -16.00
C ASP A 116 -5.51 -11.27 -14.50
N ARG A 117 -4.88 -12.18 -13.75
CA ARG A 117 -4.90 -12.12 -12.29
C ARG A 117 -3.78 -11.26 -11.72
N PHE A 118 -2.80 -10.86 -12.54
CA PHE A 118 -1.68 -10.06 -12.08
C PHE A 118 -1.57 -8.81 -12.93
N PRO A 119 -2.53 -7.88 -12.82
CA PRO A 119 -2.48 -6.67 -13.64
C PRO A 119 -1.29 -5.81 -13.29
N GLY A 120 -0.63 -5.30 -14.32
CA GLY A 120 0.41 -4.30 -14.11
C GLY A 120 -0.17 -3.01 -13.60
N ILE A 121 0.73 -2.06 -13.29
CA ILE A 121 0.30 -0.78 -12.73
C ILE A 121 -0.60 -0.05 -13.71
N ALA A 122 -0.34 -0.20 -15.01
CA ALA A 122 -1.22 0.43 -16.00
C ALA A 122 -2.62 -0.16 -15.93
N ALA A 123 -2.73 -1.49 -15.83
CA ALA A 123 -4.05 -2.12 -15.76
C ALA A 123 -4.74 -1.82 -14.43
N ARG A 124 -3.97 -1.58 -13.36
CA ARG A 124 -4.60 -1.21 -12.10
C ARG A 124 -5.06 0.25 -12.11
N GLU A 125 -4.23 1.16 -12.61
CA GLU A 125 -4.66 2.55 -12.75
C GLU A 125 -5.83 2.65 -13.72
N GLU A 126 -5.89 1.75 -14.70
CA GLU A 126 -7.06 1.71 -15.59
C GLU A 126 -8.32 1.35 -14.81
N LEU A 127 -8.28 0.23 -14.09
CA LEU A 127 -9.45 -0.20 -13.32
C LEU A 127 -9.79 0.81 -12.23
N ALA A 128 -8.77 1.39 -11.60
CA ALA A 128 -9.02 2.44 -10.62
C ALA A 128 -9.80 3.59 -11.23
N ARG A 129 -9.45 3.98 -12.47
CA ARG A 129 -10.15 5.06 -13.14
C ARG A 129 -11.60 4.68 -13.43
N GLU A 130 -11.82 3.44 -13.88
CA GLU A 130 -13.16 2.99 -14.25
C GLU A 130 -14.05 2.76 -13.05
N THR A 131 -13.47 2.53 -11.86
CA THR A 131 -14.26 2.24 -10.67
C THR A 131 -14.34 3.40 -9.69
N GLY A 132 -13.45 4.40 -9.83
CA GLY A 132 -13.36 5.45 -8.84
C GLY A 132 -12.68 5.06 -7.55
N LEU A 133 -12.28 3.80 -7.41
CA LEU A 133 -11.58 3.31 -6.24
C LEU A 133 -10.09 3.65 -6.34
N PRO A 134 -9.42 3.85 -5.21
CA PRO A 134 -7.98 4.13 -5.26
C PRO A 134 -7.22 2.92 -5.75
N GLU A 135 -6.18 3.18 -6.57
CA GLU A 135 -5.41 2.09 -7.16
C GLU A 135 -4.81 1.20 -6.07
N SER A 136 -4.40 1.78 -4.95
CA SER A 136 -3.84 0.97 -3.87
C SER A 136 -4.85 -0.06 -3.38
N ARG A 137 -6.13 0.26 -3.43
CA ARG A 137 -7.14 -0.71 -3.01
C ARG A 137 -7.43 -1.75 -4.08
N ILE A 138 -7.32 -1.39 -5.36
CA ILE A 138 -7.38 -2.39 -6.42
C ILE A 138 -6.28 -3.43 -6.22
N GLN A 139 -5.09 -2.98 -5.85
CA GLN A 139 -3.98 -3.91 -5.65
C GLN A 139 -4.28 -4.88 -4.51
N ILE A 140 -4.88 -4.39 -3.43
CA ILE A 140 -5.26 -5.27 -2.33
C ILE A 140 -6.35 -6.24 -2.78
N TRP A 141 -7.35 -5.74 -3.51
CA TRP A 141 -8.45 -6.59 -3.96
C TRP A 141 -7.92 -7.78 -4.77
N PHE A 142 -6.94 -7.54 -5.64
CA PHE A 142 -6.38 -8.63 -6.44
C PHE A 142 -5.54 -9.57 -5.60
N GLN A 143 -4.88 -9.06 -4.55
CA GLN A 143 -4.17 -9.95 -3.64
C GLN A 143 -5.13 -10.89 -2.94
N ASN A 144 -6.21 -10.36 -2.38
CA ASN A 144 -7.18 -11.19 -1.67
C ASN A 144 -7.90 -12.13 -2.63
N ARG A 145 -8.20 -11.66 -3.84
CA ARG A 145 -8.95 -12.49 -4.77
C ARG A 145 -8.10 -13.65 -5.27
N ARG A 146 -6.80 -13.43 -5.48
CA ARG A 146 -5.92 -14.50 -5.94
C ARG A 146 -5.77 -15.58 -4.88
N ALA A 147 -5.72 -15.19 -3.61
CA ALA A 147 -5.46 -16.14 -2.53
C ALA A 147 -6.67 -16.99 -2.19
N ARG A 148 -7.84 -16.66 -2.70
CA ARG A 148 -9.06 -17.38 -2.38
C ARG A 148 -9.77 -17.97 -3.59
N HIS A 149 -9.64 -17.35 -4.76
CA HIS A 149 -10.31 -17.85 -5.95
C HIS A 149 -9.29 -18.09 -7.08
#